data_8OEM
#
_entry.id   8OEM
#
_cell.length_a   39.361
_cell.length_b   78.011
_cell.length_c   47.994
_cell.angle_alpha   90.000
_cell.angle_beta   98.226
_cell.angle_gamma   90.000
#
_symmetry.space_group_name_H-M   'P 1 21 1'
#
loop_
_entity.id
_entity.type
_entity.pdbx_description
1 polymer 'Putative iron ABC transporter, substrate binding protein'
2 non-polymer 'FE (II) ION'
3 water water
#
_entity_poly.entity_id   1
_entity_poly.type   'polypeptide(L)'
_entity_poly.pdbx_seq_one_letter_code
;TEKEVKVYSGRHYNTDKEVYQKFQEQTGIKVRYIETDGKAIIERLKREGKNSQADLVILVDAAIIENASKANLFQKINSN
FLENSVPNNLRDPRNKWFGLTRRLRVIISNPDIVDITKIKNFEDLTNPSFKGKVCLRNRKSPYNQSLVSNQIAKKGVGQT
KIWLKGLISNVSTPYFSGDSSLIRAVGLGTCGIGIVNHYYVARMLDGVKGPRDASLAEKIKLIIPNPAHVNITAGGVYKY
AENKTEAIKLLEYLASSEGSQGLANKTYEHPLKESSQNRIVSKFGDFTPDNVTIKELGKFNSKAIEIMKEVGWN
;
_entity_poly.pdbx_strand_id   A
#
loop_
_chem_comp.id
_chem_comp.type
_chem_comp.name
_chem_comp.formula
FE2 non-polymer 'FE (II) ION' 'Fe 2'
#
# COMPACT_ATOMS: atom_id res chain seq x y z
N LYS A 3 23.42 17.78 14.34
CA LYS A 3 22.29 16.76 14.45
C LYS A 3 21.97 16.22 13.06
N GLU A 4 21.81 14.91 12.91
CA GLU A 4 21.39 14.39 11.60
C GLU A 4 20.55 13.14 11.84
N VAL A 5 19.89 12.70 10.81
CA VAL A 5 19.12 11.42 10.89
C VAL A 5 19.23 10.79 9.52
N LYS A 6 19.42 9.48 9.48
CA LYS A 6 19.52 8.80 8.18
C LYS A 6 18.26 7.97 7.95
N VAL A 7 17.64 8.25 6.84
CA VAL A 7 16.36 7.62 6.44
C VAL A 7 16.61 6.66 5.30
N TYR A 8 16.18 5.40 5.47
CA TYR A 8 16.23 4.41 4.41
C TYR A 8 14.78 4.14 4.06
N SER A 9 14.38 4.60 2.91
CA SER A 9 12.96 4.67 2.53
C SER A 9 12.63 3.84 1.32
N GLY A 10 11.60 3.00 1.46
CA GLY A 10 11.02 2.21 0.38
C GLY A 10 10.06 3.02 -0.51
N ARG A 11 9.80 4.27 -0.22
CA ARG A 11 9.02 5.19 -1.10
C ARG A 11 9.97 5.72 -2.20
N HIS A 12 10.03 5.07 -3.37
CA HIS A 12 10.93 5.51 -4.45
C HIS A 12 10.15 5.79 -5.73
N TYR A 13 8.81 5.97 -5.67
CA TYR A 13 8.00 6.49 -6.82
C TYR A 13 8.50 7.87 -7.28
N ASN A 14 8.61 8.80 -6.37
CA ASN A 14 9.30 10.10 -6.59
C ASN A 14 9.53 10.77 -5.24
N THR A 15 10.75 11.22 -5.07
CA THR A 15 11.42 11.63 -3.83
C THR A 15 10.51 12.44 -2.87
N ASP A 16 10.73 12.21 -1.58
CA ASP A 16 10.11 12.99 -0.47
C ASP A 16 11.10 14.06 -0.03
N LYS A 17 12.10 14.37 -0.87
CA LYS A 17 13.12 15.39 -0.56
C LYS A 17 12.44 16.62 0.02
N GLU A 18 11.34 17.08 -0.62
CA GLU A 18 10.64 18.35 -0.23
C GLU A 18 10.12 18.20 1.20
N VAL A 19 9.60 17.01 1.53
CA VAL A 19 9.07 16.77 2.91
C VAL A 19 10.25 16.78 3.89
N TYR A 20 11.35 16.05 3.59
CA TYR A 20 12.56 16.07 4.41
C TYR A 20 13.16 17.46 4.54
N GLN A 21 13.14 18.28 3.47
CA GLN A 21 13.74 19.63 3.55
C GLN A 21 12.89 20.47 4.50
N LYS A 22 11.58 20.33 4.49
CA LYS A 22 10.71 21.11 5.41
C LYS A 22 11.07 20.76 6.83
N PHE A 23 11.18 19.46 7.14
CA PHE A 23 11.61 19.04 8.49
C PHE A 23 12.97 19.66 8.88
N GLN A 24 13.95 19.63 7.96
CA GLN A 24 15.32 20.13 8.17
C GLN A 24 15.23 21.63 8.50
N GLU A 25 14.50 22.36 7.67
CA GLU A 25 14.33 23.84 7.80
C GLU A 25 13.72 24.14 9.18
N GLN A 26 12.72 23.38 9.61
CA GLN A 26 12.02 23.62 10.89
C GLN A 26 12.89 23.25 12.07
N THR A 27 13.70 22.17 12.02
CA THR A 27 14.31 21.60 13.25
C THR A 27 15.83 21.80 13.29
N GLY A 28 16.48 22.10 12.17
CA GLY A 28 17.95 22.17 12.03
C GLY A 28 18.60 20.79 11.93
N ILE A 29 17.78 19.74 11.89
CA ILE A 29 18.28 18.35 11.86
C ILE A 29 18.48 17.99 10.39
N LYS A 30 19.70 17.61 10.02
CA LYS A 30 20.06 17.29 8.61
C LYS A 30 19.43 15.94 8.32
N VAL A 31 18.63 15.84 7.27
CA VAL A 31 18.06 14.53 6.82
C VAL A 31 18.89 13.99 5.66
N ARG A 32 19.50 12.84 5.89
CA ARG A 32 20.23 12.10 4.84
C ARG A 32 19.35 10.93 4.45
N TYR A 33 18.92 10.86 3.21
CA TYR A 33 17.91 9.83 2.87
C TYR A 33 18.44 9.02 1.71
N ILE A 34 18.00 7.76 1.68
CA ILE A 34 18.13 6.86 0.52
C ILE A 34 16.72 6.40 0.21
N GLU A 35 16.36 6.43 -1.04
CA GLU A 35 15.05 5.97 -1.51
C GLU A 35 15.33 4.85 -2.49
N THR A 36 14.85 3.67 -2.20
CA THR A 36 15.09 2.50 -3.07
C THR A 36 14.05 1.43 -2.72
N ASP A 37 14.15 0.29 -3.34
CA ASP A 37 13.20 -0.82 -3.14
C ASP A 37 13.24 -1.29 -1.67
N GLY A 38 12.07 -1.45 -1.07
CA GLY A 38 11.95 -1.88 0.34
C GLY A 38 12.64 -3.22 0.59
N LYS A 39 12.51 -4.20 -0.30
CA LYS A 39 13.12 -5.53 -0.04
C LYS A 39 14.65 -5.37 -0.02
N ALA A 40 15.20 -4.50 -0.87
CA ALA A 40 16.67 -4.25 -0.89
C ALA A 40 17.10 -3.66 0.47
N ILE A 41 16.31 -2.75 1.01
CA ILE A 41 16.61 -2.15 2.34
C ILE A 41 16.61 -3.25 3.40
N ILE A 42 15.59 -4.10 3.42
CA ILE A 42 15.50 -5.15 4.46
C ILE A 42 16.72 -6.05 4.34
N GLU A 43 17.06 -6.45 3.14
CA GLU A 43 18.20 -7.39 3.00
C GLU A 43 19.49 -6.71 3.43
N ARG A 44 19.69 -5.45 3.09
CA ARG A 44 20.90 -4.69 3.46
C ARG A 44 21.00 -4.60 4.98
N LEU A 45 19.88 -4.28 5.64
CA LEU A 45 19.91 -4.07 7.10
C LEU A 45 20.15 -5.40 7.83
N LYS A 46 19.57 -6.50 7.35
CA LYS A 46 19.82 -7.83 7.97
C LYS A 46 21.32 -8.11 7.92
N ARG A 47 21.95 -7.81 6.80
N ARG A 47 21.96 -7.84 6.80
CA ARG A 47 23.42 -8.04 6.59
CA ARG A 47 23.44 -8.03 6.65
C ARG A 47 24.28 -7.07 7.41
C ARG A 47 24.19 -7.10 7.61
N GLU A 48 23.87 -5.81 7.57
CA GLU A 48 24.66 -4.80 8.31
C GLU A 48 24.51 -4.93 9.82
N GLY A 49 23.31 -5.27 10.31
CA GLY A 49 22.99 -5.30 11.75
C GLY A 49 23.49 -4.07 12.45
N LYS A 50 24.32 -4.24 13.49
CA LYS A 50 24.79 -3.12 14.34
C LYS A 50 25.66 -2.16 13.56
N ASN A 51 26.16 -2.53 12.39
CA ASN A 51 27.06 -1.63 11.64
C ASN A 51 26.28 -0.79 10.66
N SER A 52 24.94 -0.95 10.58
CA SER A 52 24.10 -0.18 9.64
C SER A 52 24.12 1.28 10.05
N GLN A 53 23.98 2.18 9.10
CA GLN A 53 23.81 3.62 9.40
C GLN A 53 22.33 4.04 9.37
N ALA A 54 21.37 3.14 9.22
CA ALA A 54 19.95 3.52 9.17
C ALA A 54 19.52 3.99 10.56
N ASP A 55 18.75 5.05 10.58
CA ASP A 55 18.08 5.50 11.82
C ASP A 55 16.57 5.26 11.68
N LEU A 56 16.00 5.64 10.56
CA LEU A 56 14.55 5.51 10.34
C LEU A 56 14.33 4.71 9.05
N VAL A 57 13.39 3.79 9.09
CA VAL A 57 13.10 2.87 7.98
C VAL A 57 11.64 3.12 7.60
N ILE A 58 11.41 3.40 6.35
CA ILE A 58 10.03 3.61 5.83
C ILE A 58 9.79 2.52 4.82
N LEU A 59 8.66 1.81 4.91
CA LEU A 59 8.35 0.67 4.04
C LEU A 59 6.94 0.75 3.54
N VAL A 60 6.73 0.15 2.38
CA VAL A 60 5.41 0.17 1.70
C VAL A 60 4.80 -1.21 1.75
N ASP A 61 3.55 -1.26 2.20
CA ASP A 61 2.65 -2.44 2.23
C ASP A 61 2.84 -3.22 3.50
N ALA A 62 1.70 -3.61 4.09
CA ALA A 62 1.61 -4.54 5.22
C ALA A 62 2.53 -5.76 5.12
N ALA A 63 2.65 -6.38 3.96
CA ALA A 63 3.45 -7.59 3.77
C ALA A 63 4.92 -7.25 4.03
N ILE A 64 5.41 -6.12 3.56
CA ILE A 64 6.84 -5.77 3.69
C ILE A 64 7.08 -5.33 5.13
N ILE A 65 6.15 -4.63 5.72
CA ILE A 65 6.23 -4.24 7.15
C ILE A 65 6.38 -5.52 7.99
N GLU A 66 5.58 -6.53 7.68
CA GLU A 66 5.59 -7.84 8.40
C GLU A 66 6.99 -8.45 8.20
N ASN A 67 7.51 -8.42 6.99
CA ASN A 67 8.86 -9.01 6.72
C ASN A 67 9.92 -8.30 7.56
N ALA A 68 9.88 -6.98 7.66
CA ALA A 68 10.87 -6.19 8.45
C ALA A 68 10.71 -6.52 9.93
N SER A 69 9.46 -6.68 10.40
N SER A 69 9.45 -6.67 10.40
CA SER A 69 9.11 -7.01 11.80
CA SER A 69 9.10 -7.00 11.80
C SER A 69 9.68 -8.38 12.17
C SER A 69 9.69 -8.36 12.16
N LYS A 70 9.49 -9.36 11.30
CA LYS A 70 9.97 -10.75 11.50
C LYS A 70 11.50 -10.74 11.53
N ALA A 71 12.13 -9.84 10.78
CA ALA A 71 13.59 -9.71 10.73
C ALA A 71 14.14 -8.88 11.90
N ASN A 72 13.31 -8.49 12.87
CA ASN A 72 13.69 -7.70 14.08
C ASN A 72 14.42 -6.41 13.70
N LEU A 73 13.92 -5.70 12.69
CA LEU A 73 14.61 -4.48 12.22
C LEU A 73 14.23 -3.27 13.06
N PHE A 74 13.17 -3.30 13.82
CA PHE A 74 12.65 -2.10 14.50
C PHE A 74 12.83 -2.21 16.01
N GLN A 75 12.95 -1.07 16.64
CA GLN A 75 12.87 -1.03 18.10
C GLN A 75 11.57 -0.37 18.50
N LYS A 76 11.08 -0.78 19.65
CA LYS A 76 9.88 -0.19 20.28
C LYS A 76 10.17 1.24 20.69
N ILE A 77 9.26 2.14 20.38
CA ILE A 77 9.41 3.54 20.82
C ILE A 77 8.17 3.97 21.59
N ASN A 78 8.36 5.01 22.39
CA ASN A 78 7.31 5.68 23.19
C ASN A 78 7.23 7.09 22.66
N SER A 79 6.05 7.44 22.23
CA SER A 79 5.80 8.81 21.73
C SER A 79 4.36 9.10 22.05
N ASN A 80 4.11 10.07 22.91
CA ASN A 80 2.70 10.40 23.23
C ASN A 80 2.03 10.92 21.96
N PHE A 81 2.76 11.65 21.13
CA PHE A 81 2.20 12.16 19.88
C PHE A 81 1.73 11.02 18.97
N LEU A 82 2.59 10.07 18.70
CA LEU A 82 2.22 8.97 17.76
C LEU A 82 1.12 8.11 18.40
N GLU A 83 1.24 7.83 19.70
CA GLU A 83 0.33 6.90 20.44
C GLU A 83 -1.04 7.54 20.52
N ASN A 84 -1.16 8.87 20.44
CA ASN A 84 -2.47 9.58 20.48
C ASN A 84 -2.92 10.08 19.10
N SER A 85 -2.17 9.92 18.01
CA SER A 85 -2.41 10.54 16.66
C SER A 85 -2.54 9.57 15.49
N VAL A 86 -1.91 8.40 15.57
CA VAL A 86 -1.94 7.42 14.48
C VAL A 86 -3.07 6.47 14.86
N PRO A 87 -4.05 6.25 13.98
CA PRO A 87 -5.14 5.32 14.31
C PRO A 87 -4.57 3.97 14.71
N ASN A 88 -5.16 3.37 15.77
N ASN A 88 -5.13 3.38 15.78
CA ASN A 88 -4.78 2.06 16.33
CA ASN A 88 -4.74 2.05 16.31
C ASN A 88 -4.65 1.00 15.22
C ASN A 88 -4.62 1.00 15.20
N ASN A 89 -5.55 0.97 14.24
CA ASN A 89 -5.53 -0.11 13.23
C ASN A 89 -4.36 0.08 12.27
N LEU A 90 -3.71 1.24 12.28
CA LEU A 90 -2.65 1.53 11.28
C LEU A 90 -1.29 1.63 11.97
N ARG A 91 -1.15 1.06 13.15
CA ARG A 91 0.18 0.99 13.79
C ARG A 91 0.37 -0.35 14.47
N ASP A 92 1.60 -0.62 14.83
CA ASP A 92 1.95 -1.87 15.52
C ASP A 92 1.36 -1.80 16.91
N PRO A 93 0.60 -2.80 17.39
CA PRO A 93 0.21 -2.83 18.80
C PRO A 93 1.42 -2.81 19.77
N ARG A 94 2.57 -3.26 19.30
CA ARG A 94 3.84 -3.36 20.09
C ARG A 94 4.75 -2.13 19.84
N ASN A 95 4.25 -1.14 19.12
CA ASN A 95 4.83 0.21 19.03
C ASN A 95 6.15 0.18 18.24
N LYS A 96 6.35 -0.74 17.32
CA LYS A 96 7.58 -0.76 16.50
C LYS A 96 7.43 -0.05 15.16
N TRP A 97 6.21 0.23 14.71
CA TRP A 97 6.07 0.88 13.40
C TRP A 97 4.72 1.59 13.41
N PHE A 98 4.63 2.62 12.61
CA PHE A 98 3.51 3.57 12.61
C PHE A 98 3.16 3.95 11.17
N GLY A 99 1.89 3.81 10.84
CA GLY A 99 1.36 4.23 9.54
C GLY A 99 1.63 5.68 9.24
N LEU A 100 1.85 5.98 7.96
CA LEU A 100 2.12 7.35 7.46
C LEU A 100 1.15 7.78 6.36
N THR A 101 0.75 6.86 5.49
CA THR A 101 -0.16 7.17 4.38
C THR A 101 -1.05 5.96 4.17
N ARG A 102 -2.14 6.17 3.44
CA ARG A 102 -3.12 5.10 3.18
C ARG A 102 -3.31 4.96 1.67
N ARG A 103 -3.40 3.73 1.24
CA ARG A 103 -3.78 3.41 -0.17
C ARG A 103 -4.91 2.39 -0.12
N LEU A 104 -5.72 2.41 -1.20
CA LEU A 104 -6.80 1.42 -1.35
C LEU A 104 -6.53 0.55 -2.56
N ARG A 105 -6.66 -0.75 -2.41
CA ARG A 105 -6.65 -1.63 -3.57
C ARG A 105 -8.11 -1.76 -3.99
N VAL A 106 -8.39 -1.32 -5.21
CA VAL A 106 -9.78 -1.15 -5.72
C VAL A 106 -9.99 -1.95 -7.00
N ILE A 107 -11.24 -1.89 -7.47
CA ILE A 107 -11.65 -2.53 -8.72
C ILE A 107 -11.60 -1.46 -9.80
N ILE A 108 -11.03 -1.78 -10.96
CA ILE A 108 -11.16 -0.91 -12.15
C ILE A 108 -11.89 -1.72 -13.21
N SER A 109 -12.65 -1.04 -14.06
CA SER A 109 -13.51 -1.76 -15.03
C SER A 109 -13.58 -0.89 -16.28
N ASN A 110 -13.79 -1.52 -17.44
CA ASN A 110 -14.04 -0.82 -18.71
C ASN A 110 -15.55 -0.99 -18.93
N PRO A 111 -16.35 0.07 -18.78
CA PRO A 111 -17.80 -0.06 -18.88
C PRO A 111 -18.30 -0.44 -20.30
N ASP A 112 -17.44 -0.41 -21.33
CA ASP A 112 -17.76 -0.92 -22.70
C ASP A 112 -17.65 -2.45 -22.78
N ILE A 113 -16.99 -3.10 -21.82
CA ILE A 113 -16.67 -4.55 -21.87
C ILE A 113 -17.47 -5.31 -20.82
N VAL A 114 -17.73 -4.68 -19.68
CA VAL A 114 -18.50 -5.29 -18.59
C VAL A 114 -19.58 -4.32 -18.16
N ASP A 115 -20.60 -4.93 -17.58
CA ASP A 115 -21.74 -4.23 -16.98
C ASP A 115 -21.36 -3.84 -15.57
N ILE A 116 -20.94 -2.58 -15.38
CA ILE A 116 -20.41 -2.09 -14.08
C ILE A 116 -21.54 -2.03 -13.04
N THR A 117 -22.82 -2.05 -13.46
CA THR A 117 -23.95 -2.02 -12.49
C THR A 117 -23.89 -3.28 -11.60
N LYS A 118 -23.27 -4.37 -12.05
CA LYS A 118 -23.19 -5.65 -11.29
C LYS A 118 -21.89 -5.71 -10.43
N ILE A 119 -21.11 -4.62 -10.36
CA ILE A 119 -19.81 -4.66 -9.61
C ILE A 119 -19.87 -3.67 -8.45
N LYS A 120 -19.88 -4.17 -7.22
CA LYS A 120 -19.85 -3.31 -6.01
C LYS A 120 -18.67 -3.70 -5.14
N ASN A 121 -18.28 -4.95 -5.09
CA ASN A 121 -17.34 -5.42 -4.05
C ASN A 121 -16.54 -6.58 -4.63
N PHE A 122 -15.53 -7.07 -3.91
CA PHE A 122 -14.66 -8.11 -4.51
C PHE A 122 -15.43 -9.41 -4.77
N GLU A 123 -16.45 -9.66 -3.96
CA GLU A 123 -17.26 -10.91 -4.05
C GLU A 123 -17.94 -10.96 -5.43
N ASP A 124 -18.34 -9.82 -5.99
CA ASP A 124 -19.01 -9.72 -7.30
C ASP A 124 -18.10 -10.20 -8.45
N LEU A 125 -16.78 -10.27 -8.28
CA LEU A 125 -15.89 -10.61 -9.41
C LEU A 125 -15.94 -12.11 -9.73
N THR A 126 -16.62 -12.93 -8.92
CA THR A 126 -16.80 -14.39 -9.18
C THR A 126 -18.00 -14.63 -10.10
N ASN A 127 -18.75 -13.60 -10.40
CA ASN A 127 -19.95 -13.68 -11.30
C ASN A 127 -19.54 -14.35 -12.61
N PRO A 128 -20.15 -15.48 -13.00
CA PRO A 128 -19.85 -16.10 -14.29
C PRO A 128 -19.99 -15.22 -15.55
N SER A 129 -20.75 -14.13 -15.49
CA SER A 129 -20.90 -13.22 -16.64
C SER A 129 -19.54 -12.54 -16.93
N PHE A 130 -18.57 -12.61 -15.99
CA PHE A 130 -17.24 -11.97 -16.17
C PHE A 130 -16.20 -12.97 -16.65
N LYS A 131 -16.61 -14.17 -17.04
CA LYS A 131 -15.65 -15.20 -17.49
C LYS A 131 -14.81 -14.63 -18.63
N GLY A 132 -13.49 -14.73 -18.49
CA GLY A 132 -12.52 -14.28 -19.49
C GLY A 132 -12.30 -12.78 -19.46
N LYS A 133 -12.93 -12.05 -18.52
CA LYS A 133 -12.91 -10.58 -18.49
C LYS A 133 -12.06 -10.07 -17.34
N VAL A 134 -11.67 -10.93 -16.42
CA VAL A 134 -10.92 -10.48 -15.21
C VAL A 134 -9.44 -10.60 -15.49
N CYS A 135 -8.67 -9.58 -15.12
CA CYS A 135 -7.20 -9.58 -15.25
C CYS A 135 -6.58 -9.20 -13.91
N LEU A 136 -5.46 -9.83 -13.56
CA LEU A 136 -4.84 -9.62 -12.23
C LEU A 136 -3.33 -9.48 -12.42
N ARG A 137 -2.73 -8.68 -11.57
CA ARG A 137 -1.29 -8.75 -11.35
C ARG A 137 -0.98 -10.07 -10.62
N ASN A 138 0.24 -10.53 -10.79
CA ASN A 138 0.70 -11.82 -10.26
C ASN A 138 0.77 -11.80 -8.73
N ARG A 139 0.97 -12.98 -8.19
CA ARG A 139 0.91 -13.18 -6.74
C ARG A 139 2.17 -12.67 -6.06
N LYS A 140 3.22 -12.31 -6.80
CA LYS A 140 4.49 -11.84 -6.20
C LYS A 140 4.28 -10.44 -5.61
N SER A 141 3.24 -9.74 -6.07
CA SER A 141 2.92 -8.39 -5.59
C SER A 141 2.49 -8.45 -4.13
N PRO A 142 3.21 -7.81 -3.19
CA PRO A 142 2.68 -7.70 -1.83
C PRO A 142 1.28 -7.08 -1.79
N TYR A 143 0.96 -6.17 -2.71
CA TYR A 143 -0.39 -5.57 -2.72
C TYR A 143 -1.48 -6.66 -2.85
N ASN A 144 -1.24 -7.66 -3.70
CA ASN A 144 -2.22 -8.74 -3.88
C ASN A 144 -2.22 -9.69 -2.70
N GLN A 145 -1.05 -9.98 -2.16
CA GLN A 145 -0.94 -10.87 -0.98
C GLN A 145 -1.73 -10.24 0.15
N SER A 146 -1.59 -8.92 0.33
CA SER A 146 -2.27 -8.23 1.44
C SER A 146 -3.78 -8.20 1.20
N LEU A 147 -4.25 -8.11 -0.04
CA LEU A 147 -5.71 -8.20 -0.34
C LEU A 147 -6.25 -9.58 0.06
N VAL A 148 -5.52 -10.65 -0.26
CA VAL A 148 -6.00 -12.01 0.07
C VAL A 148 -5.93 -12.15 1.60
N SER A 149 -4.87 -11.65 2.24
N SER A 149 -4.88 -11.65 2.22
CA SER A 149 -4.77 -11.66 3.72
CA SER A 149 -4.74 -11.64 3.70
C SER A 149 -6.00 -10.96 4.33
C SER A 149 -5.95 -10.94 4.34
N ASN A 150 -6.39 -9.83 3.74
CA ASN A 150 -7.58 -9.06 4.19
C ASN A 150 -8.81 -9.99 4.15
N GLN A 151 -8.96 -10.75 3.09
CA GLN A 151 -10.13 -11.67 2.98
C GLN A 151 -10.02 -12.77 4.05
N ILE A 152 -8.85 -13.38 4.28
CA ILE A 152 -8.68 -14.44 5.28
C ILE A 152 -9.09 -13.83 6.64
N ALA A 153 -8.68 -12.61 6.90
CA ALA A 153 -8.89 -12.04 8.27
C ALA A 153 -10.39 -12.09 8.60
N LYS A 154 -11.19 -11.65 7.64
N LYS A 154 -11.23 -11.58 7.72
CA LYS A 154 -12.66 -11.34 7.69
CA LYS A 154 -12.70 -11.50 7.94
C LYS A 154 -13.56 -12.54 7.41
C LYS A 154 -13.33 -12.87 7.80
N LYS A 155 -13.08 -13.53 6.64
CA LYS A 155 -13.92 -14.63 6.12
C LYS A 155 -13.37 -15.99 6.50
N GLY A 156 -12.11 -16.08 6.89
CA GLY A 156 -11.39 -17.32 7.17
C GLY A 156 -10.90 -17.91 5.88
N VAL A 157 -10.09 -18.93 6.01
CA VAL A 157 -9.38 -19.59 4.88
C VAL A 157 -10.41 -20.23 3.98
N GLY A 158 -11.38 -20.99 4.52
CA GLY A 158 -12.33 -21.76 3.69
C GLY A 158 -13.06 -20.91 2.69
N GLN A 159 -13.69 -19.82 3.16
CA GLN A 159 -14.50 -18.94 2.32
C GLN A 159 -13.58 -18.18 1.38
N THR A 160 -12.39 -17.84 1.84
CA THR A 160 -11.45 -17.10 0.96
C THR A 160 -11.04 -18.02 -0.20
N LYS A 161 -10.79 -19.29 0.07
CA LYS A 161 -10.41 -20.25 -1.03
C LYS A 161 -11.57 -20.36 -2.02
N ILE A 162 -12.81 -20.41 -1.56
CA ILE A 162 -13.99 -20.45 -2.48
C ILE A 162 -14.02 -19.19 -3.36
N TRP A 163 -13.81 -18.01 -2.75
CA TRP A 163 -13.75 -16.76 -3.48
C TRP A 163 -12.60 -16.81 -4.50
N LEU A 164 -11.43 -17.26 -4.09
CA LEU A 164 -10.25 -17.29 -4.98
C LEU A 164 -10.57 -18.21 -6.15
N LYS A 165 -11.15 -19.37 -5.89
CA LYS A 165 -11.42 -20.27 -7.05
C LYS A 165 -12.38 -19.59 -8.02
N GLY A 166 -13.40 -18.90 -7.53
CA GLY A 166 -14.35 -18.20 -8.41
C GLY A 166 -13.64 -17.11 -9.22
N LEU A 167 -12.72 -16.41 -8.57
CA LEU A 167 -12.05 -15.24 -9.17
C LEU A 167 -11.15 -15.76 -10.28
N ILE A 168 -10.32 -16.72 -9.97
CA ILE A 168 -9.29 -17.21 -10.91
C ILE A 168 -10.00 -17.92 -12.07
N SER A 169 -11.16 -18.52 -11.83
CA SER A 169 -12.00 -19.10 -12.92
C SER A 169 -12.29 -18.09 -14.02
N ASN A 170 -12.36 -16.79 -13.69
CA ASN A 170 -12.77 -15.71 -14.62
C ASN A 170 -11.55 -15.07 -15.27
N VAL A 171 -10.34 -15.54 -14.96
CA VAL A 171 -9.10 -15.00 -15.58
C VAL A 171 -8.75 -15.89 -16.79
N SER A 172 -8.57 -15.28 -17.97
CA SER A 172 -8.04 -16.00 -19.17
C SER A 172 -6.88 -15.25 -19.80
N THR A 173 -6.20 -14.39 -19.03
CA THR A 173 -5.13 -13.52 -19.56
C THR A 173 -3.95 -13.80 -18.66
N PRO A 174 -2.70 -13.91 -19.16
CA PRO A 174 -1.54 -14.06 -18.30
C PRO A 174 -1.52 -12.96 -17.23
N TYR A 175 -0.97 -13.31 -16.08
CA TYR A 175 -0.88 -12.38 -14.93
C TYR A 175 0.06 -11.24 -15.30
N PHE A 176 -0.29 -10.02 -14.89
CA PHE A 176 0.44 -8.78 -15.13
C PHE A 176 1.58 -8.64 -14.13
N SER A 177 2.64 -7.92 -14.51
CA SER A 177 3.80 -7.73 -13.61
C SER A 177 3.72 -6.37 -12.93
N GLY A 178 2.68 -5.59 -13.17
CA GLY A 178 2.52 -4.30 -12.48
C GLY A 178 1.10 -3.81 -12.53
N ASP A 179 0.81 -2.82 -11.71
CA ASP A 179 -0.55 -2.26 -11.66
C ASP A 179 -0.76 -1.35 -12.88
N SER A 180 0.23 -0.57 -13.26
N SER A 180 0.25 -0.57 -13.25
CA SER A 180 0.06 0.41 -14.38
CA SER A 180 0.20 0.39 -14.38
C SER A 180 -0.20 -0.36 -15.69
C SER A 180 -0.17 -0.36 -15.67
N SER A 181 0.49 -1.49 -15.95
CA SER A 181 0.26 -2.28 -17.17
C SER A 181 -1.18 -2.81 -17.16
N LEU A 182 -1.69 -3.21 -16.01
CA LEU A 182 -3.08 -3.72 -15.89
C LEU A 182 -4.07 -2.60 -16.16
N ILE A 183 -3.82 -1.38 -15.66
CA ILE A 183 -4.69 -0.21 -15.95
C ILE A 183 -4.72 0.00 -17.47
N ARG A 184 -3.59 -0.06 -18.12
CA ARG A 184 -3.54 0.14 -19.59
C ARG A 184 -4.44 -0.88 -20.29
N ALA A 185 -4.38 -2.14 -19.89
CA ALA A 185 -5.15 -3.24 -20.52
C ALA A 185 -6.65 -3.04 -20.27
N VAL A 186 -7.05 -2.61 -19.07
CA VAL A 186 -8.47 -2.32 -18.84
C VAL A 186 -8.89 -1.09 -19.69
N GLY A 187 -8.09 -0.02 -19.75
CA GLY A 187 -8.37 1.19 -20.56
C GLY A 187 -8.54 0.80 -22.01
N LEU A 188 -7.68 -0.08 -22.52
CA LEU A 188 -7.67 -0.49 -23.95
C LEU A 188 -8.86 -1.38 -24.22
N GLY A 189 -9.29 -2.16 -23.21
CA GLY A 189 -10.46 -3.05 -23.30
C GLY A 189 -10.07 -4.47 -23.53
N THR A 190 -8.79 -4.83 -23.51
CA THR A 190 -8.34 -6.24 -23.61
C THR A 190 -8.68 -6.98 -22.31
N CYS A 191 -8.79 -6.24 -21.23
CA CYS A 191 -9.33 -6.76 -19.92
C CYS A 191 -10.58 -5.98 -19.56
N GLY A 192 -11.57 -6.61 -18.98
CA GLY A 192 -12.76 -5.86 -18.55
C GLY A 192 -12.66 -5.35 -17.13
N ILE A 193 -11.94 -6.11 -16.28
CA ILE A 193 -11.88 -5.84 -14.82
C ILE A 193 -10.45 -6.09 -14.36
N GLY A 194 -9.97 -5.21 -13.52
CA GLY A 194 -8.69 -5.41 -12.83
C GLY A 194 -8.79 -4.99 -11.38
N ILE A 195 -7.72 -5.27 -10.68
CA ILE A 195 -7.58 -4.90 -9.26
C ILE A 195 -6.23 -4.20 -9.15
N VAL A 196 -6.26 -2.94 -8.73
CA VAL A 196 -5.03 -2.12 -8.72
C VAL A 196 -5.11 -1.16 -7.55
N ASN A 197 -3.99 -0.54 -7.19
CA ASN A 197 -4.08 0.48 -6.13
C ASN A 197 -4.61 1.79 -6.72
N HIS A 198 -5.36 2.53 -5.90
CA HIS A 198 -6.13 3.70 -6.41
C HIS A 198 -5.17 4.74 -6.98
N TYR A 199 -4.00 4.92 -6.38
CA TYR A 199 -3.09 6.05 -6.72
C TYR A 199 -2.48 5.89 -8.10
N TYR A 200 -2.35 4.67 -8.64
CA TYR A 200 -1.82 4.47 -10.01
C TYR A 200 -2.82 5.07 -11.00
N VAL A 201 -4.11 4.95 -10.75
CA VAL A 201 -5.12 5.52 -11.68
C VAL A 201 -4.97 7.05 -11.65
N ALA A 202 -4.81 7.60 -10.47
CA ALA A 202 -4.69 9.07 -10.30
C ALA A 202 -3.41 9.57 -10.94
N ARG A 203 -2.27 8.89 -10.79
CA ARG A 203 -1.05 9.33 -11.47
C ARG A 203 -1.25 9.32 -12.99
N MET A 204 -1.87 8.30 -13.55
CA MET A 204 -2.02 8.27 -15.01
C MET A 204 -2.99 9.38 -15.45
N LEU A 205 -4.06 9.59 -14.73
CA LEU A 205 -5.03 10.65 -15.11
C LEU A 205 -4.34 12.00 -15.09
N ASP A 206 -3.37 12.19 -14.20
CA ASP A 206 -2.73 13.52 -14.02
C ASP A 206 -1.53 13.69 -14.97
N GLY A 207 -1.31 12.79 -15.93
CA GLY A 207 -0.31 13.00 -16.98
C GLY A 207 1.08 12.56 -16.61
N VAL A 208 1.29 12.02 -15.40
CA VAL A 208 2.61 11.60 -14.82
C VAL A 208 3.34 10.64 -15.78
N LYS A 209 2.60 9.81 -16.51
CA LYS A 209 3.13 8.73 -17.37
C LYS A 209 2.89 9.05 -18.85
N GLY A 210 2.54 10.30 -19.17
CA GLY A 210 2.45 10.71 -20.57
C GLY A 210 1.02 10.62 -21.12
N PRO A 211 0.76 11.16 -22.32
CA PRO A 211 -0.62 11.34 -22.77
C PRO A 211 -1.39 10.09 -23.16
N ARG A 212 -0.70 9.04 -23.62
CA ARG A 212 -1.40 7.80 -24.01
C ARG A 212 -1.99 7.20 -22.74
N ASP A 213 -1.18 7.05 -21.70
CA ASP A 213 -1.61 6.46 -20.40
C ASP A 213 -2.76 7.30 -19.83
N ALA A 214 -2.71 8.63 -19.92
CA ALA A 214 -3.78 9.52 -19.45
C ALA A 214 -5.07 9.20 -20.22
N SER A 215 -4.99 9.09 -21.56
CA SER A 215 -6.19 8.78 -22.37
C SER A 215 -6.76 7.41 -22.00
N LEU A 216 -5.91 6.42 -21.70
CA LEU A 216 -6.41 5.07 -21.39
C LEU A 216 -7.08 5.11 -20.01
N ALA A 217 -6.48 5.83 -19.06
CA ALA A 217 -7.00 5.88 -17.68
C ALA A 217 -8.36 6.57 -17.67
N GLU A 218 -8.59 7.49 -18.62
CA GLU A 218 -9.87 8.23 -18.72
C GLU A 218 -10.99 7.25 -19.08
N LYS A 219 -10.66 6.11 -19.68
CA LYS A 219 -11.67 5.13 -20.15
C LYS A 219 -12.16 4.25 -18.98
N ILE A 220 -11.46 4.24 -17.85
CA ILE A 220 -11.79 3.30 -16.75
C ILE A 220 -12.79 3.89 -15.77
N LYS A 221 -13.60 2.99 -15.19
CA LYS A 221 -14.49 3.31 -14.05
C LYS A 221 -13.85 2.67 -12.82
N LEU A 222 -13.51 3.47 -11.82
CA LEU A 222 -12.89 2.95 -10.58
C LEU A 222 -14.01 2.70 -9.57
N ILE A 223 -14.03 1.53 -8.95
CA ILE A 223 -15.05 1.13 -7.96
C ILE A 223 -14.33 0.87 -6.64
N ILE A 224 -14.67 1.66 -5.63
CA ILE A 224 -14.18 1.42 -4.25
C ILE A 224 -15.11 0.41 -3.58
N PRO A 225 -14.61 -0.77 -3.20
CA PRO A 225 -15.42 -1.73 -2.48
C PRO A 225 -15.91 -1.09 -1.18
N ASN A 226 -17.11 -1.48 -0.79
CA ASN A 226 -17.70 -0.95 0.46
C ASN A 226 -18.04 -2.19 1.29
N PRO A 227 -17.42 -2.42 2.47
CA PRO A 227 -16.35 -1.58 3.00
C PRO A 227 -15.02 -1.81 2.28
N ALA A 228 -14.10 -0.90 2.49
CA ALA A 228 -12.85 -0.81 1.72
C ALA A 228 -11.73 -1.53 2.45
N HIS A 229 -10.82 -2.11 1.68
CA HIS A 229 -9.52 -2.62 2.13
C HIS A 229 -8.50 -1.47 2.05
N VAL A 230 -7.88 -1.21 3.20
CA VAL A 230 -6.90 -0.11 3.38
C VAL A 230 -5.55 -0.74 3.63
N ASN A 231 -4.54 -0.21 2.98
CA ASN A 231 -3.14 -0.64 3.22
C ASN A 231 -2.33 0.61 3.44
N ILE A 232 -1.08 0.48 3.83
CA ILE A 232 -0.35 1.69 4.30
C ILE A 232 1.11 1.67 3.87
N THR A 233 1.75 2.82 3.97
N THR A 233 1.74 2.83 3.98
CA THR A 233 3.21 2.96 4.15
CA THR A 233 3.18 3.03 4.15
C THR A 233 3.42 3.26 5.62
C THR A 233 3.42 3.27 5.63
N ALA A 234 4.52 2.76 6.19
CA ALA A 234 4.80 2.95 7.61
C ALA A 234 6.25 3.25 7.84
N GLY A 235 6.53 3.84 8.97
CA GLY A 235 7.90 4.05 9.42
C GLY A 235 8.14 3.45 10.77
N GLY A 236 9.40 3.16 11.03
CA GLY A 236 9.82 2.74 12.36
C GLY A 236 11.30 3.04 12.53
N VAL A 237 11.69 3.09 13.79
CA VAL A 237 13.09 3.35 14.16
C VAL A 237 13.89 2.08 14.11
N TYR A 238 15.04 2.13 13.47
CA TYR A 238 15.90 0.99 13.29
C TYR A 238 16.38 0.52 14.67
N LYS A 239 16.44 -0.79 14.82
CA LYS A 239 16.77 -1.45 16.09
C LYS A 239 18.05 -0.87 16.68
N TYR A 240 19.05 -0.54 15.86
CA TYR A 240 20.35 -0.07 16.36
C TYR A 240 20.57 1.39 16.03
N ALA A 241 19.50 2.19 15.82
CA ALA A 241 19.65 3.59 15.38
C ALA A 241 20.64 4.37 16.27
N GLU A 242 21.64 4.96 15.64
CA GLU A 242 22.57 5.88 16.34
C GLU A 242 21.84 7.17 16.72
N ASN A 243 21.02 7.68 15.81
CA ASN A 243 20.31 8.94 16.03
C ASN A 243 18.84 8.65 16.36
N LYS A 244 18.60 7.94 17.43
CA LYS A 244 17.24 7.54 17.87
C LYS A 244 16.39 8.75 18.15
N THR A 245 16.92 9.74 18.86
CA THR A 245 16.09 10.89 19.26
C THR A 245 15.59 11.61 18.01
N GLU A 246 16.48 11.84 17.03
CA GLU A 246 16.16 12.57 15.78
C GLU A 246 15.20 11.71 14.94
N ALA A 247 15.39 10.41 14.95
CA ALA A 247 14.52 9.50 14.17
C ALA A 247 13.08 9.60 14.69
N ILE A 248 12.93 9.61 15.99
CA ILE A 248 11.54 9.73 16.55
C ILE A 248 10.95 11.09 16.17
N LYS A 249 11.72 12.18 16.29
N LYS A 249 11.73 12.18 16.30
CA LYS A 249 11.22 13.53 15.93
CA LYS A 249 11.27 13.54 15.93
C LYS A 249 10.78 13.53 14.47
C LYS A 249 10.80 13.53 14.49
N LEU A 250 11.56 12.90 13.59
CA LEU A 250 11.15 12.87 12.18
C LEU A 250 9.90 12.02 11.99
N LEU A 251 9.83 10.86 12.64
CA LEU A 251 8.63 10.01 12.51
C LEU A 251 7.39 10.76 13.01
N GLU A 252 7.51 11.48 14.12
CA GLU A 252 6.41 12.33 14.67
C GLU A 252 5.99 13.35 13.63
N TYR A 253 6.97 13.96 12.95
CA TYR A 253 6.65 14.95 11.89
C TYR A 253 5.92 14.26 10.73
N LEU A 254 6.44 13.14 10.25
CA LEU A 254 5.85 12.43 9.09
C LEU A 254 4.42 11.96 9.36
N ALA A 255 4.10 11.60 10.60
CA ALA A 255 2.78 11.14 10.98
C ALA A 255 1.83 12.29 11.31
N SER A 256 2.32 13.50 11.43
CA SER A 256 1.50 14.69 11.75
C SER A 256 0.68 15.06 10.55
N SER A 257 -0.28 15.95 10.75
N SER A 257 -0.31 15.94 10.74
CA SER A 257 -1.14 16.41 9.63
CA SER A 257 -1.15 16.43 9.61
C SER A 257 -0.28 17.00 8.51
C SER A 257 -0.26 16.98 8.49
N GLU A 258 0.71 17.85 8.80
CA GLU A 258 1.56 18.46 7.78
C GLU A 258 2.39 17.39 7.06
N GLY A 259 3.00 16.49 7.84
CA GLY A 259 3.91 15.49 7.26
C GLY A 259 3.13 14.48 6.44
N SER A 260 2.00 13.98 6.95
CA SER A 260 1.22 12.91 6.27
C SER A 260 0.62 13.48 4.97
N GLN A 261 0.11 14.71 5.04
CA GLN A 261 -0.33 15.39 3.79
C GLN A 261 0.80 15.57 2.81
N GLY A 262 1.99 15.99 3.25
CA GLY A 262 3.17 16.18 2.39
C GLY A 262 3.50 14.88 1.69
N LEU A 263 3.53 13.77 2.44
CA LEU A 263 3.90 12.46 1.84
C LEU A 263 2.78 12.00 0.92
N ALA A 264 1.55 12.10 1.34
CA ALA A 264 0.40 11.57 0.58
C ALA A 264 0.26 12.38 -0.73
N ASN A 265 0.48 13.68 -0.70
CA ASN A 265 0.24 14.50 -1.92
C ASN A 265 1.25 14.16 -3.00
N LYS A 266 2.46 13.71 -2.64
CA LYS A 266 3.50 13.34 -3.60
C LYS A 266 3.08 12.09 -4.38
N THR A 267 2.37 11.16 -3.75
CA THR A 267 2.10 9.84 -4.36
C THR A 267 0.62 9.64 -4.68
N TYR A 268 -0.25 10.64 -4.46
CA TYR A 268 -1.71 10.61 -4.69
C TYR A 268 -2.38 9.61 -3.72
N GLU A 269 -1.73 9.37 -2.59
CA GLU A 269 -2.30 8.57 -1.50
C GLU A 269 -3.19 9.42 -0.62
N HIS A 270 -3.85 8.79 0.34
CA HIS A 270 -4.64 9.47 1.39
C HIS A 270 -3.72 9.68 2.59
N PRO A 271 -3.84 10.84 3.22
CA PRO A 271 -3.21 11.05 4.51
C PRO A 271 -3.82 10.11 5.55
N LEU A 272 -3.21 10.08 6.74
CA LEU A 272 -3.60 9.14 7.79
C LEU A 272 -5.02 9.32 8.33
N LYS A 273 -5.47 10.56 8.56
CA LYS A 273 -6.70 10.83 9.35
C LYS A 273 -7.79 11.48 8.51
N GLU A 274 -7.49 11.87 7.28
CA GLU A 274 -8.41 12.59 6.40
C GLU A 274 -8.24 12.00 5.03
N SER A 275 -9.28 12.04 4.22
N SER A 275 -9.28 12.07 4.23
CA SER A 275 -9.16 11.68 2.80
CA SER A 275 -9.22 11.75 2.79
C SER A 275 -8.38 12.77 2.07
C SER A 275 -8.37 12.79 2.06
N SER A 276 -7.75 12.39 0.96
CA SER A 276 -7.01 13.29 0.06
C SER A 276 -7.95 14.45 -0.36
N GLN A 277 -7.41 15.66 -0.37
CA GLN A 277 -8.07 16.86 -0.98
C GLN A 277 -7.77 16.92 -2.47
N ASN A 278 -6.84 16.12 -2.98
CA ASN A 278 -6.54 16.09 -4.45
C ASN A 278 -7.85 15.92 -5.22
N ARG A 279 -8.10 16.76 -6.22
CA ARG A 279 -9.40 16.73 -6.92
C ARG A 279 -9.58 15.41 -7.69
N ILE A 280 -8.50 14.85 -8.23
CA ILE A 280 -8.61 13.58 -9.01
C ILE A 280 -8.97 12.46 -8.05
N VAL A 281 -8.27 12.41 -6.92
CA VAL A 281 -8.53 11.31 -5.94
C VAL A 281 -9.92 11.46 -5.33
N SER A 282 -10.35 12.68 -5.00
N SER A 282 -10.33 12.69 -5.01
CA SER A 282 -11.66 12.91 -4.32
CA SER A 282 -11.65 12.98 -4.38
C SER A 282 -12.81 12.49 -5.24
C SER A 282 -12.78 12.47 -5.25
N LYS A 283 -12.66 12.65 -6.56
CA LYS A 283 -13.67 12.19 -7.54
C LYS A 283 -13.87 10.68 -7.48
N PHE A 284 -12.91 9.87 -6.99
CA PHE A 284 -13.08 8.40 -6.90
C PHE A 284 -14.17 8.06 -5.87
N GLY A 285 -14.42 8.96 -4.94
CA GLY A 285 -15.53 8.85 -3.99
C GLY A 285 -15.07 8.57 -2.58
N ASP A 286 -16.07 8.44 -1.72
CA ASP A 286 -15.92 8.26 -0.27
C ASP A 286 -15.58 6.79 -0.02
N PHE A 287 -14.88 6.48 1.05
CA PHE A 287 -14.71 5.05 1.42
C PHE A 287 -14.88 4.88 2.91
N THR A 288 -15.22 3.67 3.28
CA THR A 288 -15.38 3.25 4.67
C THR A 288 -14.44 2.09 4.95
N PRO A 289 -13.45 2.22 5.86
CA PRO A 289 -12.58 1.09 6.14
C PRO A 289 -13.30 -0.13 6.75
N ASP A 290 -12.83 -1.31 6.41
CA ASP A 290 -13.37 -2.58 6.92
C ASP A 290 -12.83 -2.94 8.29
N ASN A 291 -11.95 -2.13 8.92
CA ASN A 291 -11.39 -2.34 10.28
C ASN A 291 -10.45 -3.53 10.42
N VAL A 292 -10.02 -4.18 9.35
CA VAL A 292 -8.96 -5.19 9.45
C VAL A 292 -7.68 -4.41 9.77
N THR A 293 -6.94 -4.87 10.72
CA THR A 293 -5.72 -4.12 11.07
C THR A 293 -4.54 -4.50 10.19
N ILE A 294 -3.59 -3.58 10.13
CA ILE A 294 -2.39 -3.80 9.29
C ILE A 294 -1.60 -4.96 9.87
N LYS A 295 -1.59 -5.08 11.19
CA LYS A 295 -0.91 -6.22 11.82
C LYS A 295 -1.56 -7.54 11.37
N GLU A 296 -2.88 -7.58 11.29
CA GLU A 296 -3.59 -8.81 10.82
C GLU A 296 -3.22 -9.13 9.37
N LEU A 297 -3.07 -8.11 8.52
CA LEU A 297 -2.64 -8.33 7.13
C LEU A 297 -1.29 -9.01 7.11
N GLY A 298 -0.38 -8.66 8.03
CA GLY A 298 0.91 -9.36 8.10
C GLY A 298 0.78 -10.76 8.60
N LYS A 299 -0.06 -10.95 9.62
CA LYS A 299 -0.24 -12.27 10.24
C LYS A 299 -0.61 -13.32 9.20
N PHE A 300 -1.48 -12.98 8.26
CA PHE A 300 -2.03 -13.96 7.30
C PHE A 300 -1.25 -13.96 5.99
N ASN A 301 -0.16 -13.21 5.88
CA ASN A 301 0.59 -13.13 4.61
C ASN A 301 1.02 -14.52 4.12
N SER A 302 1.63 -15.35 4.97
N SER A 302 1.65 -15.37 4.94
CA SER A 302 2.14 -16.68 4.55
CA SER A 302 2.16 -16.66 4.39
C SER A 302 0.99 -17.54 4.01
C SER A 302 0.99 -17.57 3.99
N LYS A 303 -0.12 -17.51 4.72
CA LYS A 303 -1.31 -18.33 4.36
C LYS A 303 -1.85 -17.82 3.03
N ALA A 304 -1.88 -16.51 2.82
CA ALA A 304 -2.41 -15.93 1.57
C ALA A 304 -1.59 -16.46 0.39
N ILE A 305 -0.27 -16.46 0.52
CA ILE A 305 0.64 -16.94 -0.56
C ILE A 305 0.32 -18.41 -0.88
N GLU A 306 0.19 -19.22 0.17
CA GLU A 306 -0.15 -20.65 0.03
C GLU A 306 -1.42 -20.84 -0.75
N ILE A 307 -2.49 -20.13 -0.39
CA ILE A 307 -3.79 -20.42 -1.01
C ILE A 307 -3.82 -19.81 -2.40
N MET A 308 -3.11 -18.69 -2.63
CA MET A 308 -3.03 -18.15 -4.01
C MET A 308 -2.34 -19.19 -4.90
N LYS A 309 -1.25 -19.75 -4.43
CA LYS A 309 -0.51 -20.80 -5.19
C LYS A 309 -1.46 -21.98 -5.43
N GLU A 310 -2.20 -22.40 -4.43
CA GLU A 310 -3.05 -23.61 -4.50
C GLU A 310 -4.12 -23.44 -5.57
N VAL A 311 -4.65 -22.23 -5.80
CA VAL A 311 -5.74 -22.03 -6.76
C VAL A 311 -5.25 -21.59 -8.14
N GLY A 312 -3.96 -21.38 -8.31
CA GLY A 312 -3.31 -21.06 -9.57
C GLY A 312 -3.28 -19.58 -9.86
N TRP A 313 -3.28 -18.76 -8.82
CA TRP A 313 -2.94 -17.32 -8.99
C TRP A 313 -1.41 -17.28 -9.04
N ASN A 314 -0.93 -17.09 -10.28
N ASN A 314 -0.76 -17.19 -10.21
CA ASN A 314 0.47 -17.30 -10.72
CA ASN A 314 0.73 -17.29 -10.24
C ASN A 314 1.16 -15.95 -11.00
C ASN A 314 1.34 -15.88 -10.22
FE FE2 B . 2.91 1.28 -5.38
#